data_3JZ3
#
_entry.id   3JZ3
#
_cell.length_a   70.737
_cell.length_b   70.737
_cell.length_c   176.573
_cell.angle_alpha   90.00
_cell.angle_beta   90.00
_cell.angle_gamma   90.00
#
_symmetry.space_group_name_H-M   'P 41 21 2'
#
loop_
_entity.id
_entity.type
_entity.pdbx_description
1 polymer 'Sensor protein qseC'
2 non-polymer 'SULFATE ION'
3 water water
#
_entity_poly.entity_id   1
_entity_poly.type   'polypeptide(L)'
_entity_poly.pdbx_seq_one_letter_code
;RERRFTSDAAHELRSPLTALKVQTEVAQLSDDDPQARKKALLQLHSGIDRATRLVDQLLTLSRLDSLDNLQDVAEIPLED
LLQSSV(MSE)DIYHTAQQAKIDVRLTLNAHSIKRTGQPLLLSLLVRNLLDNAVRYSPQGSVVDVTLNADNFIVRDNGPG
VTPEALARIGERFYRPPGQTATGSGLGLSIVQRIAKLHG(MSE)NVEFGNAEQGGFEAKVSWLEHHHHHH
;
_entity_poly.pdbx_strand_id   A,B
#
loop_
_chem_comp.id
_chem_comp.type
_chem_comp.name
_chem_comp.formula
SO4 non-polymer 'SULFATE ION' 'O4 S -2'
#
# COMPACT_ATOMS: atom_id res chain seq x y z
N ALA A 40 9.11 -5.51 -10.26
CA ALA A 40 7.88 -6.07 -9.65
C ALA A 40 7.98 -6.10 -8.11
N LEU A 41 7.65 -4.97 -7.49
CA LEU A 41 7.64 -4.86 -6.03
C LEU A 41 6.37 -5.47 -5.45
N LEU A 42 6.46 -5.95 -4.21
CA LEU A 42 5.31 -6.56 -3.54
C LEU A 42 4.88 -5.78 -2.30
N GLN A 43 3.58 -5.55 -2.17
CA GLN A 43 3.00 -4.89 -1.00
C GLN A 43 1.80 -5.68 -0.48
N LEU A 44 1.88 -6.09 0.78
CA LEU A 44 0.90 -7.00 1.38
C LEU A 44 -0.10 -6.25 2.27
N HIS A 45 -1.38 -6.52 2.06
CA HIS A 45 -2.44 -5.96 2.89
C HIS A 45 -3.16 -7.04 3.69
N GLY A 47 -7.97 -4.28 3.53
CA GLY A 47 -7.97 -4.49 2.09
C GLY A 47 -7.86 -3.22 1.28
N ILE A 48 -8.37 -3.26 0.05
CA ILE A 48 -8.28 -2.14 -0.88
C ILE A 48 -9.08 -0.92 -0.42
N ASP A 49 -10.32 -1.13 0.00
CA ASP A 49 -11.20 -0.06 0.44
C ASP A 49 -10.59 0.78 1.56
N ARG A 50 -9.96 0.12 2.52
CA ARG A 50 -9.32 0.81 3.66
C ARG A 50 -8.06 1.58 3.24
N ALA A 51 -7.28 1.01 2.32
CA ALA A 51 -6.10 1.70 1.78
C ALA A 51 -6.53 2.90 0.95
N THR A 52 -7.58 2.71 0.16
CA THR A 52 -8.13 3.75 -0.70
C THR A 52 -8.63 4.95 0.10
N ARG A 53 -9.46 4.68 1.13
CA ARG A 53 -10.02 5.74 1.97
C ARG A 53 -8.97 6.61 2.61
N LEU A 54 -7.95 5.98 3.19
CA LEU A 54 -6.84 6.70 3.82
C LEU A 54 -6.10 7.60 2.83
N VAL A 55 -5.76 7.04 1.68
CA VAL A 55 -5.01 7.76 0.65
C VAL A 55 -5.84 8.93 0.10
N ASP A 56 -7.13 8.69 -0.14
CA ASP A 56 -8.03 9.74 -0.60
C ASP A 56 -8.03 10.93 0.36
N GLN A 57 -8.19 10.65 1.64
CA GLN A 57 -8.18 11.71 2.66
C GLN A 57 -6.84 12.42 2.74
N LEU A 58 -5.74 11.69 2.64
CA LEU A 58 -4.42 12.31 2.65
C LEU A 58 -4.17 13.20 1.43
N LEU A 59 -4.69 12.78 0.27
CA LEU A 59 -4.61 13.59 -0.95
C LEU A 59 -5.43 14.86 -0.84
N THR A 60 -6.62 14.73 -0.27
CA THR A 60 -7.54 15.87 -0.09
C THR A 60 -7.01 16.88 0.91
N LEU A 61 -6.46 16.39 2.03
CA LEU A 61 -5.92 17.26 3.08
C LEU A 61 -4.60 17.93 2.69
N SER A 62 -3.91 17.37 1.71
CA SER A 62 -2.68 17.98 1.19
C SER A 62 -3.00 19.05 0.13
N ARG A 63 -4.24 19.03 -0.36
CA ARG A 63 -4.73 19.98 -1.38
C ARG A 63 -3.74 20.08 -2.55
N LEU A 64 -3.29 18.91 -3.01
CA LEU A 64 -2.24 18.80 -4.03
C LEU A 64 -2.81 19.03 -5.43
N ASP A 65 -2.06 19.79 -6.23
CA ASP A 65 -2.51 20.20 -7.57
C ASP A 65 -1.86 19.40 -8.69
N SER A 66 -0.54 19.27 -8.66
CA SER A 66 0.20 18.59 -9.73
C SER A 66 1.05 17.43 -9.22
N LEU A 67 1.55 16.63 -10.16
CA LEU A 67 2.41 15.48 -9.86
C LEU A 67 3.89 15.87 -9.77
N ASP A 68 4.24 17.04 -10.28
CA ASP A 68 5.63 17.46 -10.46
C ASP A 68 6.58 17.06 -9.32
N ASN A 69 6.19 17.37 -8.09
CA ASN A 69 7.08 17.18 -6.95
C ASN A 69 6.74 16.01 -6.02
N LEU A 70 5.77 15.18 -6.43
CA LEU A 70 5.45 13.96 -5.69
C LEU A 70 6.56 12.93 -5.78
N GLN A 71 6.79 12.22 -4.67
CA GLN A 71 7.75 11.12 -4.64
C GLN A 71 7.41 10.07 -5.70
N ASP A 72 8.43 9.59 -6.39
CA ASP A 72 8.34 8.46 -7.33
C ASP A 72 7.51 8.67 -8.59
N VAL A 73 7.26 9.92 -8.96
CA VAL A 73 6.62 10.21 -10.24
C VAL A 73 7.57 9.82 -11.38
N ALA A 74 7.06 9.03 -12.32
CA ALA A 74 7.88 8.51 -13.43
C ALA A 74 7.04 8.28 -14.66
N GLU A 75 7.69 7.86 -15.75
CA GLU A 75 7.00 7.50 -16.98
C GLU A 75 6.51 6.07 -16.88
N ILE A 76 5.18 5.92 -16.73
CA ILE A 76 4.58 4.61 -16.51
C ILE A 76 4.08 4.00 -17.81
N PRO A 77 4.57 2.79 -18.16
CA PRO A 77 3.97 2.01 -19.25
C PRO A 77 2.62 1.49 -18.79
N LEU A 78 1.54 1.95 -19.44
CA LEU A 78 0.19 1.64 -18.99
C LEU A 78 -0.18 0.18 -19.26
N GLU A 79 0.43 -0.38 -20.29
CA GLU A 79 0.33 -1.80 -20.62
C GLU A 79 0.70 -2.67 -19.42
N ASP A 80 1.84 -2.36 -18.78
CA ASP A 80 2.32 -3.12 -17.64
C ASP A 80 1.49 -2.84 -16.39
N LEU A 81 1.09 -1.58 -16.21
CA LEU A 81 0.23 -1.20 -15.09
C LEU A 81 -1.08 -1.96 -15.10
N LEU A 82 -1.74 -2.01 -16.27
CA LEU A 82 -3.01 -2.72 -16.41
C LEU A 82 -2.85 -4.23 -16.24
N GLN A 83 -1.81 -4.78 -16.85
CA GLN A 83 -1.53 -6.21 -16.75
C GLN A 83 -1.25 -6.63 -15.31
N SER A 84 -0.47 -5.81 -14.61
CA SER A 84 -0.14 -6.03 -13.21
C SER A 84 -1.39 -6.00 -12.33
N SER A 85 -2.32 -5.10 -12.65
CA SER A 85 -3.58 -4.99 -11.91
C SER A 85 -4.48 -6.21 -12.13
N VAL A 86 -4.50 -6.72 -13.36
CA VAL A 86 -5.24 -7.95 -13.69
C VAL A 86 -4.68 -9.15 -12.92
N MSE A 87 -3.36 -9.26 -12.87
CA MSE A 87 -2.67 -10.29 -12.10
C MSE A 87 -3.05 -10.29 -10.63
O MSE A 87 -3.21 -11.34 -10.04
CB MSE A 87 -1.14 -10.15 -12.23
CG MSE A 87 -0.53 -10.69 -13.51
SE MSE A 87 -1.45 -12.27 -14.22
CE MSE A 87 -2.47 -11.35 -15.61
N ASP A 88 -3.17 -9.09 -10.05
CA ASP A 88 -3.49 -8.94 -8.64
C ASP A 88 -4.88 -9.45 -8.26
N ILE A 89 -5.87 -9.25 -9.12
CA ILE A 89 -7.24 -9.72 -8.85
C ILE A 89 -7.59 -11.04 -9.53
N TYR A 90 -6.62 -11.65 -10.20
CA TYR A 90 -6.89 -12.84 -11.00
C TYR A 90 -7.49 -13.98 -10.19
N HIS A 91 -6.90 -14.26 -9.02
CA HIS A 91 -7.35 -15.35 -8.15
C HIS A 91 -8.69 -15.04 -7.51
N THR A 92 -8.89 -13.79 -7.12
CA THR A 92 -10.17 -13.30 -6.60
C THR A 92 -11.29 -13.52 -7.62
N ALA A 93 -11.01 -13.18 -8.88
CA ALA A 93 -11.95 -13.36 -9.97
C ALA A 93 -12.26 -14.84 -10.22
N GLN A 94 -11.23 -15.68 -10.14
CA GLN A 94 -11.39 -17.14 -10.31
C GLN A 94 -12.37 -17.74 -9.32
N GLN A 95 -12.26 -17.35 -8.05
CA GLN A 95 -13.10 -17.89 -6.99
C GLN A 95 -14.51 -17.29 -7.00
N ALA A 96 -14.65 -16.10 -7.59
CA ALA A 96 -15.96 -15.52 -7.86
C ALA A 96 -16.52 -16.02 -9.20
N LYS A 97 -15.77 -16.93 -9.82
CA LYS A 97 -16.13 -17.54 -11.11
C LYS A 97 -16.34 -16.50 -12.23
N ILE A 98 -15.41 -15.55 -12.28
CA ILE A 98 -15.42 -14.45 -13.23
C ILE A 98 -14.13 -14.48 -14.05
N ASP A 99 -14.23 -14.19 -15.33
CA ASP A 99 -13.06 -14.06 -16.19
C ASP A 99 -12.65 -12.61 -16.36
N VAL A 100 -11.35 -12.37 -16.58
CA VAL A 100 -10.83 -11.04 -16.85
C VAL A 100 -10.10 -11.02 -18.19
N ARG A 101 -10.59 -10.18 -19.10
CA ARG A 101 -10.01 -10.05 -20.42
C ARG A 101 -9.19 -8.77 -20.50
N LEU A 102 -7.94 -8.91 -20.93
CA LEU A 102 -7.10 -7.75 -21.21
C LEU A 102 -6.88 -7.62 -22.72
N THR A 103 -7.50 -6.59 -23.31
CA THR A 103 -7.29 -6.29 -24.73
C THR A 103 -6.30 -5.16 -24.87
N LEU A 104 -5.23 -5.42 -25.62
CA LEU A 104 -4.21 -4.43 -25.88
C LEU A 104 -4.29 -4.00 -27.34
N ASN A 105 -5.01 -2.90 -27.58
CA ASN A 105 -5.16 -2.34 -28.92
C ASN A 105 -3.96 -1.48 -29.31
N ALA A 106 -3.33 -0.87 -28.31
CA ALA A 106 -2.13 -0.09 -28.50
C ALA A 106 -1.00 -0.65 -27.65
N HIS A 107 0.22 -0.20 -27.92
CA HIS A 107 1.39 -0.62 -27.14
C HIS A 107 2.36 0.54 -26.98
N SER A 108 3.29 0.41 -26.04
CA SER A 108 4.32 1.43 -25.76
C SER A 108 3.75 2.76 -25.26
N ILE A 109 2.51 2.74 -24.77
CA ILE A 109 1.86 3.94 -24.24
C ILE A 109 2.42 4.26 -22.85
N LYS A 110 2.96 5.47 -22.72
CA LYS A 110 3.58 5.90 -21.47
C LYS A 110 2.99 7.21 -20.99
N ARG A 111 2.63 7.25 -19.71
CA ARG A 111 2.14 8.47 -19.07
C ARG A 111 2.95 8.79 -17.82
N THR A 112 3.17 10.08 -17.60
CA THR A 112 3.80 10.57 -16.38
C THR A 112 2.82 10.40 -15.23
N GLY A 113 3.27 9.75 -14.16
CA GLY A 113 2.43 9.54 -13.00
C GLY A 113 3.07 8.87 -11.81
N GLN A 114 2.30 8.81 -10.72
CA GLN A 114 2.71 8.12 -9.51
C GLN A 114 2.13 6.70 -9.61
N PRO A 115 3.02 5.70 -9.75
CA PRO A 115 2.61 4.32 -10.03
C PRO A 115 1.66 3.73 -8.98
N LEU A 116 1.87 4.09 -7.71
CA LEU A 116 1.04 3.58 -6.62
C LEU A 116 -0.38 4.14 -6.65
N LEU A 117 -0.50 5.43 -6.90
CA LEU A 117 -1.81 6.08 -7.04
C LEU A 117 -2.56 5.58 -8.28
N LEU A 118 -1.81 5.35 -9.37
CA LEU A 118 -2.42 4.85 -10.60
C LEU A 118 -2.87 3.41 -10.44
N SER A 119 -2.08 2.61 -9.73
CA SER A 119 -2.44 1.23 -9.42
C SER A 119 -3.70 1.18 -8.59
N LEU A 120 -3.82 2.15 -7.67
CA LEU A 120 -4.96 2.25 -6.79
C LEU A 120 -6.20 2.62 -7.58
N LEU A 121 -6.03 3.52 -8.54
CA LEU A 121 -7.11 3.90 -9.45
C LEU A 121 -7.63 2.68 -10.21
N VAL A 122 -6.72 1.93 -10.82
CA VAL A 122 -7.11 0.78 -11.62
C VAL A 122 -7.75 -0.30 -10.74
N ARG A 123 -7.17 -0.53 -9.56
CA ARG A 123 -7.65 -1.57 -8.67
C ARG A 123 -9.09 -1.34 -8.20
N ASN A 124 -9.44 -0.08 -7.99
CA ASN A 124 -10.81 0.26 -7.61
C ASN A 124 -11.80 0.01 -8.73
N LEU A 125 -11.40 0.29 -9.97
CA LEU A 125 -12.24 0.02 -11.12
C LEU A 125 -12.45 -1.47 -11.34
N LEU A 126 -11.41 -2.25 -11.13
CA LEU A 126 -11.48 -3.70 -11.28
C LEU A 126 -12.32 -4.32 -10.17
N ASP A 127 -12.10 -3.88 -8.93
CA ASP A 127 -12.85 -4.38 -7.77
C ASP A 127 -14.34 -4.11 -7.93
N ASN A 128 -14.68 -2.89 -8.34
CA ASN A 128 -16.04 -2.52 -8.65
C ASN A 128 -16.64 -3.41 -9.75
N ALA A 129 -15.85 -3.67 -10.79
CA ALA A 129 -16.28 -4.50 -11.92
C ALA A 129 -16.55 -5.95 -11.50
N VAL A 130 -15.63 -6.51 -10.72
CA VAL A 130 -15.74 -7.89 -10.22
C VAL A 130 -16.92 -8.06 -9.26
N ARG A 131 -17.13 -7.06 -8.41
CA ARG A 131 -18.19 -7.06 -7.40
C ARG A 131 -19.59 -7.21 -8.00
N TYR A 132 -19.89 -6.44 -9.04
CA TYR A 132 -21.20 -6.46 -9.69
C TYR A 132 -21.23 -7.35 -10.92
N SER A 133 -20.46 -8.45 -10.88
CA SER A 133 -20.29 -9.31 -12.04
C SER A 133 -20.86 -10.70 -11.76
N PRO A 134 -21.88 -11.12 -12.55
CA PRO A 134 -22.51 -12.42 -12.33
C PRO A 134 -21.65 -13.58 -12.84
N GLN A 135 -21.65 -14.70 -12.12
CA GLN A 135 -20.86 -15.87 -12.48
C GLN A 135 -20.85 -16.19 -13.98
N GLY A 136 -19.66 -16.40 -14.52
CA GLY A 136 -19.50 -16.76 -15.92
C GLY A 136 -19.34 -15.57 -16.84
N SER A 137 -19.42 -14.36 -16.27
CA SER A 137 -19.28 -13.15 -17.07
C SER A 137 -17.82 -12.74 -17.23
N VAL A 138 -17.58 -11.79 -18.13
CA VAL A 138 -16.24 -11.30 -18.42
C VAL A 138 -16.12 -9.83 -18.04
N VAL A 139 -15.10 -9.52 -17.23
CA VAL A 139 -14.69 -8.14 -16.99
C VAL A 139 -13.73 -7.76 -18.11
N ASP A 140 -14.10 -6.74 -18.88
CA ASP A 140 -13.35 -6.31 -20.06
C ASP A 140 -12.44 -5.13 -19.76
N VAL A 141 -11.14 -5.31 -19.95
CA VAL A 141 -10.16 -4.24 -19.77
C VAL A 141 -9.42 -3.99 -21.07
N THR A 142 -9.55 -2.78 -21.61
CA THR A 142 -9.02 -2.46 -22.93
C THR A 142 -8.05 -1.28 -22.87
N LEU A 143 -6.88 -1.45 -23.47
CA LEU A 143 -5.92 -0.36 -23.62
C LEU A 143 -5.92 0.18 -25.05
N ASN A 144 -6.37 1.43 -25.19
CA ASN A 144 -6.35 2.15 -26.45
C ASN A 144 -5.27 3.22 -26.43
N ALA A 145 -5.00 3.84 -27.58
CA ALA A 145 -3.93 4.83 -27.72
C ALA A 145 -4.10 6.08 -26.84
N ASP A 146 -5.35 6.41 -26.50
CA ASP A 146 -5.63 7.61 -25.71
C ASP A 146 -6.57 7.37 -24.51
N ASN A 147 -6.88 6.11 -24.25
CA ASN A 147 -7.75 5.74 -23.13
C ASN A 147 -7.59 4.30 -22.72
N PHE A 148 -8.05 3.98 -21.51
CA PHE A 148 -8.35 2.59 -21.18
C PHE A 148 -9.76 2.48 -20.63
N ILE A 149 -10.36 1.31 -20.83
CA ILE A 149 -11.76 1.09 -20.49
C ILE A 149 -11.88 -0.17 -19.63
N VAL A 150 -12.62 -0.04 -18.53
CA VAL A 150 -12.95 -1.17 -17.66
C VAL A 150 -14.46 -1.39 -17.76
N ARG A 151 -14.85 -2.56 -18.24
CA ARG A 151 -16.25 -2.85 -18.52
C ARG A 151 -16.69 -4.14 -17.84
N ASP A 152 -17.88 -4.14 -17.26
CA ASP A 152 -18.46 -5.35 -16.68
C ASP A 152 -19.86 -5.64 -17.23
N ASN A 153 -20.36 -6.84 -16.93
CA ASN A 153 -21.67 -7.28 -17.42
C ASN A 153 -22.71 -7.32 -16.30
N GLY A 154 -22.64 -6.35 -15.39
CA GLY A 154 -23.60 -6.24 -14.31
C GLY A 154 -24.73 -5.27 -14.61
N PRO A 155 -25.38 -4.74 -13.55
CA PRO A 155 -26.47 -3.76 -13.67
C PRO A 155 -25.97 -2.43 -14.25
N LEU A 182 -18.35 7.82 -2.50
CA LEU A 182 -18.19 6.52 -3.15
C LEU A 182 -16.73 6.20 -3.42
N GLY A 183 -16.45 4.96 -3.83
CA GLY A 183 -15.11 4.53 -4.22
C GLY A 183 -14.69 5.09 -5.57
N LEU A 184 -15.68 5.45 -6.40
CA LEU A 184 -15.42 5.98 -7.74
C LEU A 184 -14.98 7.45 -7.72
N SER A 185 -15.11 8.10 -6.57
CA SER A 185 -14.74 9.50 -6.44
C SER A 185 -13.23 9.69 -6.36
N ILE A 186 -12.54 8.74 -5.74
CA ILE A 186 -11.07 8.76 -5.71
C ILE A 186 -10.48 8.47 -7.09
N VAL A 187 -11.16 7.63 -7.87
CA VAL A 187 -10.78 7.38 -9.26
C VAL A 187 -10.74 8.73 -9.99
N GLN A 188 -11.80 9.52 -9.83
CA GLN A 188 -11.87 10.87 -10.41
C GLN A 188 -10.78 11.80 -9.87
N ARG A 189 -10.51 11.72 -8.56
CA ARG A 189 -9.49 12.57 -7.94
C ARG A 189 -8.08 12.26 -8.41
N ILE A 190 -7.75 10.96 -8.50
CA ILE A 190 -6.43 10.52 -8.95
C ILE A 190 -6.26 10.81 -10.45
N ALA A 191 -7.33 10.60 -11.21
CA ALA A 191 -7.33 10.89 -12.65
C ALA A 191 -7.05 12.36 -12.93
N LYS A 192 -7.84 13.24 -12.31
CA LYS A 192 -7.68 14.69 -12.46
C LYS A 192 -6.25 15.11 -12.14
N LEU A 193 -5.73 14.58 -11.03
CA LEU A 193 -4.33 14.81 -10.64
C LEU A 193 -3.34 14.41 -11.73
N HIS A 194 -3.66 13.33 -12.46
CA HIS A 194 -2.81 12.83 -13.55
C HIS A 194 -3.12 13.44 -14.93
N GLY A 195 -3.99 14.44 -14.95
CA GLY A 195 -4.39 15.07 -16.20
C GLY A 195 -5.24 14.12 -17.05
N MSE A 196 -6.04 13.30 -16.37
CA MSE A 196 -6.90 12.34 -17.03
C MSE A 196 -8.36 12.63 -16.74
O MSE A 196 -8.71 13.07 -15.65
CB MSE A 196 -6.56 10.91 -16.58
CG MSE A 196 -5.24 10.38 -17.12
SE MSE A 196 -4.63 8.76 -16.20
CE MSE A 196 -2.88 8.57 -17.06
N ASN A 197 -9.21 12.40 -17.74
CA ASN A 197 -10.66 12.50 -17.56
C ASN A 197 -11.24 11.12 -17.31
N VAL A 198 -12.33 11.06 -16.55
CA VAL A 198 -13.02 9.80 -16.27
C VAL A 198 -14.49 9.86 -16.67
N GLU A 199 -14.88 8.95 -17.55
CA GLU A 199 -16.26 8.87 -18.01
C GLU A 199 -16.89 7.59 -17.51
N PHE A 200 -17.95 7.72 -16.72
CA PHE A 200 -18.76 6.59 -16.30
C PHE A 200 -20.02 6.53 -17.15
N GLY A 201 -20.67 5.36 -17.15
CA GLY A 201 -21.90 5.18 -17.90
C GLY A 201 -22.15 3.74 -18.34
N ASN A 202 -23.27 3.54 -19.02
CA ASN A 202 -23.64 2.22 -19.54
C ASN A 202 -22.96 1.94 -20.87
N ALA A 203 -22.53 0.70 -21.03
CA ALA A 203 -21.87 0.26 -22.27
C ALA A 203 -22.91 0.00 -23.37
N GLU A 204 -22.45 -0.01 -24.62
CA GLU A 204 -23.29 -0.32 -25.79
C GLU A 204 -23.95 -1.69 -25.65
N GLN A 205 -23.13 -2.71 -25.42
CA GLN A 205 -23.61 -4.08 -25.26
C GLN A 205 -24.12 -4.35 -23.83
N GLY A 206 -24.41 -3.29 -23.10
CA GLY A 206 -24.99 -3.39 -21.76
C GLY A 206 -23.97 -3.59 -20.66
N GLY A 207 -24.31 -3.12 -19.46
CA GLY A 207 -23.42 -3.20 -18.30
C GLY A 207 -22.80 -1.86 -17.98
N PHE A 208 -21.98 -1.83 -16.93
CA PHE A 208 -21.31 -0.61 -16.49
C PHE A 208 -19.92 -0.44 -17.11
N GLU A 209 -19.58 0.80 -17.44
CA GLU A 209 -18.35 1.10 -18.19
C GLU A 209 -17.63 2.35 -17.69
N ALA A 210 -16.41 2.17 -17.21
CA ALA A 210 -15.55 3.29 -16.79
C ALA A 210 -14.48 3.55 -17.85
N LYS A 211 -14.37 4.81 -18.28
CA LYS A 211 -13.45 5.20 -19.32
C LYS A 211 -12.51 6.29 -18.82
N VAL A 212 -11.22 5.95 -18.73
CA VAL A 212 -10.18 6.89 -18.34
C VAL A 212 -9.43 7.31 -19.59
N SER A 213 -9.35 8.61 -19.84
CA SER A 213 -8.76 9.11 -21.07
C SER A 213 -7.78 10.26 -20.84
N TRP A 214 -6.90 10.47 -21.81
CA TRP A 214 -5.87 11.50 -21.74
C TRP A 214 -5.59 12.02 -23.15
N LEU A 215 -4.66 12.97 -23.25
CA LEU A 215 -4.25 13.53 -24.54
C LEU A 215 -3.27 12.60 -25.24
N GLU A 216 -3.64 12.15 -26.43
CA GLU A 216 -2.84 11.20 -27.20
C GLU A 216 -1.45 11.75 -27.49
N HIS A 217 -0.43 10.92 -27.25
CA HIS A 217 0.97 11.30 -27.46
C HIS A 217 1.38 11.11 -28.91
N ALA B 27 13.60 -2.86 -10.37
CA ALA B 27 13.68 -2.48 -11.82
C ALA B 27 12.42 -1.75 -12.30
N GLN B 28 11.28 -2.46 -12.23
CA GLN B 28 10.00 -1.89 -12.64
C GLN B 28 9.48 -0.87 -11.63
N LEU B 29 8.84 0.19 -12.14
CA LEU B 29 8.21 1.19 -11.30
C LEU B 29 6.91 0.66 -10.65
N SER B 30 6.33 -0.37 -11.27
CA SER B 30 5.08 -0.96 -10.81
C SER B 30 5.20 -1.81 -9.54
N ASP B 31 4.12 -1.82 -8.76
CA ASP B 31 4.07 -2.49 -7.46
C ASP B 31 2.78 -3.32 -7.37
N ASP B 32 2.95 -4.62 -7.10
CA ASP B 32 1.82 -5.53 -6.92
C ASP B 32 1.13 -5.34 -5.57
N ASP B 33 -0.19 -5.19 -5.61
CA ASP B 33 -1.01 -5.09 -4.39
C ASP B 33 -1.76 -6.39 -4.12
N PRO B 34 -1.32 -7.13 -3.09
CA PRO B 34 -1.89 -8.41 -2.67
C PRO B 34 -2.87 -8.25 -1.51
N GLN B 35 -3.94 -9.05 -1.53
CA GLN B 35 -4.99 -9.08 -0.49
C GLN B 35 -5.55 -7.71 -0.14
N LEU B 41 13.42 -10.87 -1.24
CA LEU B 41 13.78 -10.09 -0.07
C LEU B 41 13.78 -8.59 -0.37
N LEU B 42 14.51 -8.21 -1.42
CA LEU B 42 14.57 -6.81 -1.86
C LEU B 42 13.20 -6.33 -2.35
N GLN B 43 12.44 -7.25 -2.95
CA GLN B 43 11.13 -6.93 -3.54
C GLN B 43 10.06 -6.55 -2.51
N LEU B 44 10.13 -7.14 -1.32
CA LEU B 44 9.15 -6.87 -0.28
C LEU B 44 9.53 -5.66 0.59
N HIS B 45 10.81 -5.29 0.59
CA HIS B 45 11.28 -4.04 1.19
C HIS B 45 10.96 -2.85 0.29
N SER B 46 11.08 -3.07 -1.02
CA SER B 46 10.79 -2.05 -2.04
C SER B 46 9.32 -1.61 -2.02
N GLY B 47 8.41 -2.56 -1.88
CA GLY B 47 6.98 -2.27 -1.76
C GLY B 47 6.67 -1.35 -0.59
N ILE B 48 7.22 -1.70 0.57
CA ILE B 48 7.08 -0.89 1.79
C ILE B 48 7.79 0.46 1.65
N ASP B 49 8.91 0.47 0.94
CA ASP B 49 9.70 1.67 0.69
C ASP B 49 8.93 2.71 -0.14
N ARG B 50 8.23 2.22 -1.16
CA ARG B 50 7.45 3.08 -2.05
C ARG B 50 6.18 3.62 -1.38
N ALA B 51 5.49 2.76 -0.64
CA ALA B 51 4.31 3.17 0.12
C ALA B 51 4.68 4.16 1.22
N THR B 52 5.83 3.93 1.85
CA THR B 52 6.36 4.82 2.89
C THR B 52 6.63 6.22 2.35
N ARG B 53 7.42 6.30 1.28
CA ARG B 53 7.75 7.57 0.63
C ARG B 53 6.51 8.41 0.28
N LEU B 54 5.52 7.78 -0.34
CA LEU B 54 4.29 8.47 -0.72
C LEU B 54 3.48 8.96 0.48
N VAL B 55 3.20 8.04 1.42
CA VAL B 55 2.35 8.34 2.57
C VAL B 55 3.05 9.31 3.53
N ASP B 56 4.37 9.17 3.66
CA ASP B 56 5.18 10.13 4.43
C ASP B 56 5.02 11.54 3.89
N GLN B 57 5.17 11.69 2.56
CA GLN B 57 5.01 12.99 1.91
C GLN B 57 3.61 13.53 2.13
N LEU B 58 2.60 12.69 1.92
CA LEU B 58 1.20 13.11 2.08
C LEU B 58 0.86 13.49 3.52
N LEU B 59 1.45 12.80 4.48
CA LEU B 59 1.28 13.13 5.91
C LEU B 59 1.81 14.52 6.22
N THR B 60 3.03 14.80 5.74
CA THR B 60 3.69 16.08 5.94
C THR B 60 2.90 17.23 5.31
N LEU B 61 2.53 17.08 4.04
CA LEU B 61 1.81 18.12 3.30
C LEU B 61 0.45 18.43 3.91
N SER B 62 -0.23 17.39 4.41
CA SER B 62 -1.53 17.54 5.06
C SER B 62 -1.40 18.12 6.47
N ARG B 63 -0.15 18.25 6.94
CA ARG B 63 0.18 18.67 8.32
C ARG B 63 -0.82 18.15 9.37
N LEU B 64 -0.91 16.82 9.42
CA LEU B 64 -1.88 16.13 10.26
C LEU B 64 -1.48 16.17 11.72
N ASP B 65 -2.35 16.74 12.54
CA ASP B 65 -2.08 16.99 13.96
C ASP B 65 -2.46 15.80 14.86
N SER B 66 -3.67 15.28 14.68
CA SER B 66 -4.20 14.22 15.53
C SER B 66 -4.94 13.15 14.73
N LEU B 67 -5.39 12.12 15.44
CA LEU B 67 -6.16 11.03 14.83
C LEU B 67 -7.66 11.33 14.78
N ASP B 68 -8.03 12.51 15.28
CA ASP B 68 -9.43 12.87 15.49
C ASP B 68 -10.35 12.75 14.27
N ASN B 69 -9.83 13.10 13.09
CA ASN B 69 -10.65 13.05 11.87
C ASN B 69 -10.20 12.04 10.81
N LEU B 70 -9.13 11.29 11.10
CA LEU B 70 -8.64 10.26 10.19
C LEU B 70 -9.63 9.13 9.99
N GLN B 71 -9.72 8.65 8.75
CA GLN B 71 -10.55 7.51 8.40
C GLN B 71 -10.07 6.26 9.13
N ASP B 72 -11.04 5.46 9.58
CA ASP B 72 -10.78 4.12 10.13
C ASP B 72 -9.91 4.07 11.39
N VAL B 73 -9.89 5.16 12.15
CA VAL B 73 -9.22 5.18 13.45
C VAL B 73 -10.02 4.31 14.43
N ALA B 74 -9.33 3.37 15.06
CA ALA B 74 -9.96 2.41 15.95
C ALA B 74 -9.01 1.97 17.06
N GLU B 75 -9.48 1.09 17.94
CA GLU B 75 -8.64 0.49 18.96
C GLU B 75 -7.89 -0.67 18.32
N ILE B 76 -6.56 -0.56 18.31
CA ILE B 76 -5.72 -1.55 17.62
C ILE B 76 -5.10 -2.52 18.62
N PRO B 77 -5.40 -3.83 18.47
CA PRO B 77 -4.73 -4.84 19.27
C PRO B 77 -3.31 -5.04 18.74
N LEU B 78 -2.32 -4.71 19.57
CA LEU B 78 -0.92 -4.69 19.14
C LEU B 78 -0.28 -6.05 18.94
N GLU B 79 -0.81 -7.08 19.61
CA GLU B 79 -0.38 -8.47 19.37
C GLU B 79 -0.55 -8.84 17.90
N ASP B 80 -1.77 -8.65 17.41
CA ASP B 80 -2.15 -9.00 16.03
C ASP B 80 -1.32 -8.23 15.00
N LEU B 81 -1.15 -6.93 15.22
CA LEU B 81 -0.36 -6.06 14.36
C LEU B 81 1.09 -6.53 14.24
N LEU B 82 1.70 -6.85 15.37
CA LEU B 82 3.09 -7.31 15.38
C LEU B 82 3.23 -8.70 14.77
N GLN B 83 2.35 -9.61 15.21
CA GLN B 83 2.36 -10.97 14.68
C GLN B 83 2.14 -10.99 13.17
N SER B 84 1.13 -10.24 12.72
CA SER B 84 0.82 -10.09 11.30
C SER B 84 2.00 -9.52 10.51
N SER B 85 2.65 -8.50 11.05
CA SER B 85 3.85 -7.91 10.44
C SER B 85 4.98 -8.92 10.36
N VAL B 86 5.17 -9.69 11.43
CA VAL B 86 6.17 -10.75 11.44
C VAL B 86 5.83 -11.76 10.35
N MSE B 87 4.54 -12.09 10.22
CA MSE B 87 4.06 -13.06 9.24
C MSE B 87 4.35 -12.67 7.79
O MSE B 87 4.67 -13.52 6.97
CB MSE B 87 2.57 -13.35 9.43
CG MSE B 87 2.28 -14.33 10.57
SE MSE B 87 3.40 -15.94 10.54
CE MSE B 87 5.02 -15.22 11.31
N ASP B 88 4.22 -11.38 7.49
CA ASP B 88 4.54 -10.85 6.17
C ASP B 88 5.99 -11.10 5.80
N ILE B 89 6.84 -11.17 6.82
CA ILE B 89 8.28 -11.16 6.68
C ILE B 89 8.93 -12.53 6.87
N TYR B 90 8.36 -13.34 7.76
CA TYR B 90 9.02 -14.53 8.29
C TYR B 90 9.69 -15.46 7.27
N HIS B 91 8.93 -15.93 6.30
CA HIS B 91 9.41 -16.92 5.32
C HIS B 91 10.53 -16.36 4.45
N THR B 92 10.34 -15.13 3.96
CA THR B 92 11.33 -14.46 3.13
C THR B 92 12.65 -14.26 3.88
N ALA B 93 12.56 -13.77 5.12
CA ALA B 93 13.73 -13.62 5.98
C ALA B 93 14.40 -14.96 6.28
N GLN B 94 13.58 -16.02 6.38
CA GLN B 94 14.08 -17.38 6.59
C GLN B 94 14.98 -17.82 5.43
N GLN B 95 14.49 -17.61 4.20
CA GLN B 95 15.25 -17.94 3.00
C GLN B 95 16.57 -17.16 2.89
N ALA B 96 16.67 -16.04 3.62
CA ALA B 96 17.88 -15.23 3.66
C ALA B 96 18.72 -15.50 4.91
N LYS B 97 18.44 -16.63 5.56
CA LYS B 97 19.14 -17.07 6.79
C LYS B 97 19.00 -16.08 7.97
N ILE B 98 17.86 -15.39 8.03
CA ILE B 98 17.55 -14.48 9.13
C ILE B 98 16.33 -14.99 9.89
N ASP B 99 16.49 -15.23 11.18
CA ASP B 99 15.39 -15.69 12.02
C ASP B 99 14.69 -14.52 12.72
N VAL B 100 13.36 -14.53 12.72
CA VAL B 100 12.57 -13.50 13.39
C VAL B 100 11.84 -14.10 14.59
N ARG B 101 12.18 -13.59 15.78
CA ARG B 101 11.61 -14.09 17.02
C ARG B 101 10.64 -13.07 17.58
N LEU B 102 9.39 -13.49 17.76
CA LEU B 102 8.37 -12.66 18.38
C LEU B 102 8.09 -13.08 19.82
N THR B 103 8.38 -12.17 20.75
CA THR B 103 8.12 -12.39 22.16
C THR B 103 6.97 -11.48 22.60
N LEU B 104 6.00 -12.07 23.30
CA LEU B 104 4.86 -11.30 23.77
C LEU B 104 4.78 -11.35 25.29
N ASN B 105 5.22 -10.27 25.92
CA ASN B 105 5.23 -10.16 27.39
C ASN B 105 3.89 -9.70 27.94
N ALA B 106 3.19 -8.90 27.15
CA ALA B 106 1.87 -8.40 27.52
C ALA B 106 0.86 -8.85 26.48
N HIS B 107 -0.40 -8.88 26.90
CA HIS B 107 -1.48 -9.34 26.04
C HIS B 107 -2.67 -8.41 26.24
N SER B 108 -3.63 -8.50 25.32
CA SER B 108 -4.82 -7.62 25.33
C SER B 108 -4.45 -6.14 25.41
N ILE B 109 -3.37 -5.77 24.71
CA ILE B 109 -2.92 -4.38 24.65
C ILE B 109 -3.54 -3.70 23.43
N LYS B 110 -4.27 -2.61 23.67
CA LYS B 110 -4.96 -1.90 22.60
C LYS B 110 -4.59 -0.41 22.60
N ARG B 111 -4.23 0.10 21.43
CA ARG B 111 -3.96 1.53 21.27
C ARG B 111 -4.89 2.12 20.22
N THR B 112 -5.23 3.39 20.42
CA THR B 112 -6.04 4.12 19.45
C THR B 112 -5.12 4.52 18.31
N GLY B 113 -5.50 4.12 17.10
CA GLY B 113 -4.68 4.44 15.94
C GLY B 113 -5.30 4.11 14.60
N GLN B 114 -4.60 4.53 13.55
CA GLN B 114 -4.94 4.19 12.18
C GLN B 114 -4.11 2.95 11.81
N PRO B 115 -4.80 1.83 11.51
CA PRO B 115 -4.19 0.50 11.31
C PRO B 115 -3.11 0.44 10.22
N LEU B 116 -3.38 1.05 9.07
CA LEU B 116 -2.43 1.04 7.96
C LEU B 116 -1.16 1.80 8.29
N LEU B 117 -1.31 2.95 8.95
CA LEU B 117 -0.16 3.73 9.39
C LEU B 117 0.67 2.99 10.42
N LEU B 118 0.02 2.33 11.37
CA LEU B 118 0.76 1.56 12.39
C LEU B 118 1.46 0.35 11.78
N SER B 119 0.82 -0.22 10.76
CA SER B 119 1.38 -1.32 10.02
C SER B 119 2.65 -0.88 9.28
N LEU B 120 2.59 0.32 8.68
CA LEU B 120 3.75 0.90 7.99
C LEU B 120 4.91 1.18 8.94
N LEU B 121 4.60 1.78 10.09
CA LEU B 121 5.60 2.04 11.13
C LEU B 121 6.33 0.75 11.50
N VAL B 122 5.57 -0.27 11.89
CA VAL B 122 6.15 -1.53 12.36
C VAL B 122 6.99 -2.19 11.28
N ARG B 123 6.46 -2.18 10.06
CA ARG B 123 7.11 -2.84 8.93
C ARG B 123 8.43 -2.18 8.52
N ASN B 124 8.50 -0.86 8.62
CA ASN B 124 9.75 -0.13 8.39
C ASN B 124 10.85 -0.54 9.37
N LEU B 125 10.50 -0.63 10.65
CA LEU B 125 11.44 -1.05 11.68
C LEU B 125 11.89 -2.48 11.46
N LEU B 126 10.96 -3.31 10.97
CA LEU B 126 11.23 -4.72 10.70
C LEU B 126 12.13 -4.93 9.49
N ASP B 127 11.79 -4.27 8.38
CA ASP B 127 12.60 -4.32 7.17
C ASP B 127 14.01 -3.81 7.42
N ASN B 128 14.11 -2.73 8.20
CA ASN B 128 15.40 -2.18 8.60
C ASN B 128 16.22 -3.15 9.44
N ALA B 129 15.55 -3.86 10.35
CA ALA B 129 16.23 -4.82 11.23
C ALA B 129 16.69 -6.07 10.48
N VAL B 130 15.89 -6.52 9.51
CA VAL B 130 16.26 -7.68 8.68
C VAL B 130 17.38 -7.32 7.70
N ARG B 131 17.44 -5.98 7.35
CA ARG B 131 18.36 -5.57 6.26
C ARG B 131 19.81 -5.52 6.75
N TYR B 132 20.03 -4.98 7.95
CA TYR B 132 21.37 -4.87 8.51
C TYR B 132 21.70 -6.06 9.42
N SER B 133 20.88 -7.11 9.34
CA SER B 133 21.16 -8.35 10.05
C SER B 133 22.10 -9.22 9.21
N PRO B 134 23.22 -9.64 9.81
CA PRO B 134 24.10 -10.61 9.15
C PRO B 134 23.45 -11.99 9.09
N GLN B 135 23.82 -12.79 8.09
CA GLN B 135 23.30 -14.15 7.95
C GLN B 135 23.59 -14.97 9.21
N GLY B 136 22.58 -15.73 9.65
CA GLY B 136 22.69 -16.58 10.83
C GLY B 136 22.33 -15.92 12.15
N SER B 137 21.94 -14.63 12.09
CA SER B 137 21.58 -13.89 13.30
C SER B 137 20.07 -13.85 13.53
N VAL B 138 19.67 -13.29 14.66
CA VAL B 138 18.26 -13.26 15.09
C VAL B 138 17.75 -11.83 15.21
N VAL B 139 16.55 -11.60 14.69
CA VAL B 139 15.83 -10.34 14.92
C VAL B 139 14.81 -10.55 16.04
N ASP B 140 14.89 -9.72 17.07
CA ASP B 140 14.00 -9.81 18.22
C ASP B 140 12.91 -8.75 18.19
N VAL B 141 11.65 -9.20 18.10
CA VAL B 141 10.49 -8.32 18.21
C VAL B 141 9.77 -8.63 19.52
N THR B 142 9.65 -7.62 20.37
CA THR B 142 9.11 -7.80 21.72
C THR B 142 7.99 -6.81 22.00
N LEU B 143 6.85 -7.33 22.47
CA LEU B 143 5.76 -6.48 22.91
C LEU B 143 5.68 -6.47 24.43
N ASN B 144 5.83 -5.27 24.99
CA ASN B 144 5.67 -5.04 26.43
C ASN B 144 4.42 -4.22 26.70
N ALA B 145 4.08 -4.02 27.97
CA ALA B 145 2.86 -3.31 28.37
C ALA B 145 2.71 -1.91 27.74
N ASP B 146 3.81 -1.15 27.75
CA ASP B 146 3.78 0.24 27.29
C ASP B 146 4.83 0.55 26.21
N ASN B 147 5.36 -0.49 25.58
CA ASN B 147 6.32 -0.35 24.49
C ASN B 147 6.46 -1.64 23.69
N PHE B 148 6.91 -1.52 22.45
CA PHE B 148 7.46 -2.68 21.75
C PHE B 148 8.87 -2.38 21.26
N ILE B 149 9.67 -3.43 21.09
CA ILE B 149 11.07 -3.29 20.71
C ILE B 149 11.39 -4.15 19.51
N VAL B 150 12.07 -3.55 18.52
CA VAL B 150 12.65 -4.30 17.41
C VAL B 150 14.16 -4.17 17.53
N ARG B 151 14.85 -5.31 17.51
CA ARG B 151 16.27 -5.37 17.85
C ARG B 151 17.00 -6.37 16.96
N ASP B 152 18.13 -5.93 16.39
CA ASP B 152 18.95 -6.79 15.53
C ASP B 152 20.40 -6.90 16.06
N ASN B 153 21.21 -7.71 15.38
CA ASN B 153 22.62 -7.90 15.73
C ASN B 153 23.58 -7.26 14.73
N GLY B 154 23.10 -6.26 14.00
CA GLY B 154 23.92 -5.58 12.99
C GLY B 154 24.74 -4.43 13.53
N PRO B 155 25.34 -3.63 12.63
CA PRO B 155 26.19 -2.48 12.97
C PRO B 155 25.45 -1.40 13.77
N GLY B 156 26.20 -0.61 14.54
CA GLY B 156 25.64 0.47 15.34
C GLY B 156 26.02 1.84 14.82
N GLY B 183 16.73 8.83 7.01
CA GLY B 183 16.14 7.88 6.07
C GLY B 183 14.70 7.53 6.42
N LEU B 184 14.54 6.80 7.53
CA LEU B 184 13.22 6.38 8.00
C LEU B 184 12.77 7.21 9.21
N SER B 185 12.20 8.37 8.90
CA SER B 185 11.70 9.31 9.90
C SER B 185 10.17 9.40 9.84
N ILE B 186 9.58 8.58 8.96
CA ILE B 186 8.13 8.40 8.93
C ILE B 186 7.72 7.66 10.21
N VAL B 187 8.62 6.82 10.70
CA VAL B 187 8.46 6.12 11.97
C VAL B 187 8.25 7.15 13.08
N GLN B 188 9.11 8.16 13.12
CA GLN B 188 8.98 9.25 14.09
C GLN B 188 7.67 10.03 13.90
N ARG B 189 7.27 10.24 12.65
CA ARG B 189 6.09 11.03 12.33
C ARG B 189 4.79 10.30 12.68
N ILE B 190 4.70 9.04 12.28
CA ILE B 190 3.54 8.21 12.59
C ILE B 190 3.41 8.02 14.11
N ALA B 191 4.53 7.71 14.76
CA ALA B 191 4.58 7.56 16.21
C ALA B 191 4.02 8.79 16.91
N LYS B 192 4.53 9.98 16.53
CA LYS B 192 4.13 11.25 17.13
C LYS B 192 2.64 11.52 16.95
N LEU B 193 2.12 11.16 15.78
CA LEU B 193 0.70 11.27 15.48
C LEU B 193 -0.14 10.40 16.43
N HIS B 194 0.41 9.25 16.82
CA HIS B 194 -0.28 8.30 17.70
C HIS B 194 0.01 8.52 19.18
N GLY B 195 0.70 9.62 19.50
CA GLY B 195 1.09 9.91 20.87
C GLY B 195 2.15 8.95 21.39
N MSE B 196 3.01 8.50 20.49
CA MSE B 196 4.06 7.54 20.82
C MSE B 196 5.42 8.18 20.65
O MSE B 196 5.59 9.12 19.87
CB MSE B 196 3.97 6.30 19.93
CG MSE B 196 2.69 5.48 20.08
SE MSE B 196 2.57 4.03 18.76
CE MSE B 196 0.82 3.31 19.28
N ASN B 197 6.40 7.67 21.39
CA ASN B 197 7.78 8.09 21.28
C ASN B 197 8.59 6.97 20.66
N VAL B 198 9.57 7.32 19.85
CA VAL B 198 10.51 6.33 19.33
C VAL B 198 11.94 6.68 19.71
N GLU B 199 12.62 5.71 20.31
CA GLU B 199 14.01 5.86 20.73
C GLU B 199 14.88 4.84 20.01
N PHE B 200 15.93 5.33 19.36
CA PHE B 200 16.91 4.47 18.70
C PHE B 200 18.18 4.39 19.55
N GLY B 201 18.95 3.32 19.37
CA GLY B 201 20.20 3.14 20.12
C GLY B 201 20.85 1.78 19.94
N ASN B 202 21.94 1.56 20.67
CA ASN B 202 22.64 0.27 20.64
C ASN B 202 22.13 -0.68 21.71
N ALA B 203 22.06 -1.96 21.35
CA ALA B 203 21.48 -2.99 22.20
C ALA B 203 22.34 -3.31 23.42
N GLU B 204 21.69 -3.79 24.48
CA GLU B 204 22.35 -4.12 25.75
C GLU B 204 23.46 -5.17 25.61
N GLN B 205 23.43 -5.94 24.52
CA GLN B 205 24.44 -6.96 24.24
C GLN B 205 25.05 -6.78 22.84
N GLY B 206 24.86 -5.61 22.26
CA GLY B 206 25.38 -5.30 20.93
C GLY B 206 24.32 -5.40 19.85
N GLY B 207 24.44 -4.54 18.84
CA GLY B 207 23.47 -4.48 17.75
C GLY B 207 22.55 -3.27 17.83
N PHE B 208 21.70 -3.09 16.83
CA PHE B 208 20.78 -1.96 16.77
C PHE B 208 19.48 -2.24 17.51
N GLU B 209 18.85 -1.17 18.02
CA GLU B 209 17.61 -1.28 18.77
C GLU B 209 16.69 -0.08 18.49
N ALA B 210 15.40 -0.38 18.31
CA ALA B 210 14.38 0.64 18.20
C ALA B 210 13.25 0.32 19.19
N LYS B 211 12.85 1.31 19.96
CA LYS B 211 11.80 1.13 20.97
C LYS B 211 10.69 2.15 20.80
N VAL B 212 9.48 1.65 20.58
CA VAL B 212 8.31 2.50 20.45
C VAL B 212 7.53 2.45 21.77
N SER B 213 7.47 3.58 22.45
CA SER B 213 6.80 3.65 23.74
C SER B 213 5.59 4.57 23.69
N TRP B 214 4.63 4.28 24.57
CA TRP B 214 3.44 5.11 24.75
C TRP B 214 3.10 5.14 26.24
N LEU B 215 2.15 5.98 26.61
CA LEU B 215 1.73 6.11 28.00
C LEU B 215 0.58 5.17 28.34
N GLU B 216 0.59 4.65 29.57
CA GLU B 216 -0.41 3.69 30.08
C GLU B 216 -0.15 2.28 29.57
S SO4 C . 12.47 1.75 -5.33
O1 SO4 C . 11.65 1.72 -4.12
O2 SO4 C . 11.64 1.57 -6.51
O3 SO4 C . 13.16 3.04 -5.42
O4 SO4 C . 13.46 0.68 -5.26
#